data_7HGO
#
_entry.id   7HGO
#
_cell.length_a   41.620
_cell.length_b   42.200
_cell.length_c   159.100
_cell.angle_alpha   90.00
_cell.angle_beta   90.00
_cell.angle_gamma   90.00
#
_symmetry.space_group_name_H-M   'P 21 21 21'
#
loop_
_entity.id
_entity.type
_entity.pdbx_description
1 polymer 'Hepatoma-derived growth factor-related protein 2'
2 non-polymer 'SULFATE ION'
3 non-polymer 1,2-ETHANEDIOL
4 non-polymer N-methyl-3-oxo-N-(propan-2-yl)piperazine-1-sulfonamide
5 water water
#
_entity_poly.entity_id   1
_entity_poly.type   'polypeptide(L)'
_entity_poly.pdbx_seq_one_letter_code
;GMPHAFKPGDLVFAKMKGYPHWPARIDDIADGAVKPPPNKYPIFFFGTHETAFLGPKDLFPYDKSKDKYGKPNKRKGFNE
GLWEIQNNPHASYS
;
_entity_poly.pdbx_strand_id   A,B,C
#
loop_
_chem_comp.id
_chem_comp.type
_chem_comp.name
_chem_comp.formula
8DH non-polymer N-methyl-3-oxo-N-(propan-2-yl)piperazine-1-sulfonamide 'C8 H17 N3 O3 S'
EDO non-polymer 1,2-ETHANEDIOL 'C2 H6 O2'
SO4 non-polymer 'SULFATE ION' 'O4 S -2'
#
# COMPACT_ATOMS: atom_id res chain seq x y z
N MET A 2 0.26 6.49 27.51
CA MET A 2 0.80 7.73 26.89
C MET A 2 1.33 7.43 25.48
N PRO A 3 1.25 8.42 24.56
CA PRO A 3 1.73 8.31 23.18
C PRO A 3 3.21 7.98 23.05
N HIS A 4 3.52 7.23 22.00
CA HIS A 4 4.90 6.99 21.65
C HIS A 4 5.17 7.90 20.44
N ALA A 5 6.40 7.88 19.96
CA ALA A 5 6.66 8.45 18.64
C ALA A 5 5.96 7.61 17.56
N PHE A 6 5.74 8.28 16.44
CA PHE A 6 5.21 7.63 15.25
C PHE A 6 6.15 6.49 14.81
N LYS A 7 5.51 5.38 14.39
CA LYS A 7 6.27 4.25 13.88
C LYS A 7 5.59 3.70 12.62
N PRO A 8 6.30 2.93 11.77
CA PRO A 8 5.66 2.32 10.60
C PRO A 8 4.45 1.47 10.97
N GLY A 9 3.40 1.66 10.16
CA GLY A 9 2.14 0.97 10.40
C GLY A 9 1.11 1.83 11.12
N ASP A 10 1.56 2.91 11.79
CA ASP A 10 0.54 3.75 12.39
C ASP A 10 -0.39 4.40 11.36
N LEU A 11 -1.67 4.55 11.73
CA LEU A 11 -2.71 5.04 10.85
C LEU A 11 -2.97 6.50 11.26
N VAL A 12 -3.16 7.36 10.24
CA VAL A 12 -3.29 8.80 10.53
C VAL A 12 -4.23 9.41 9.52
N PHE A 13 -4.70 10.65 9.82
CA PHE A 13 -4.98 11.58 8.74
C PHE A 13 -3.81 12.54 8.62
N ALA A 14 -3.34 12.71 7.37
CA ALA A 14 -2.15 13.49 7.06
C ALA A 14 -2.61 14.77 6.35
N LYS A 15 -2.07 15.94 6.77
CA LYS A 15 -2.46 17.19 6.12
C LYS A 15 -1.37 17.73 5.21
N MET A 16 -1.78 18.05 3.98
CA MET A 16 -1.02 18.69 2.93
C MET A 16 -1.75 20.01 2.63
N LYS A 17 -0.96 21.03 2.30
CA LYS A 17 -1.51 22.33 1.93
C LYS A 17 -2.47 22.15 0.76
N GLY A 18 -3.68 22.72 0.87
CA GLY A 18 -4.59 22.64 -0.25
C GLY A 18 -5.42 21.37 -0.32
N TYR A 19 -5.16 20.44 0.61
CA TYR A 19 -5.94 19.22 0.59
C TYR A 19 -6.57 19.01 1.95
N PRO A 20 -7.71 18.30 2.00
CA PRO A 20 -8.35 17.95 3.27
C PRO A 20 -7.44 16.95 3.99
N HIS A 21 -7.60 16.89 5.30
CA HIS A 21 -6.90 15.88 6.11
C HIS A 21 -7.21 14.50 5.53
N TRP A 22 -6.15 13.71 5.21
CA TRP A 22 -6.31 12.63 4.24
C TRP A 22 -5.96 11.32 4.92
N PRO A 23 -6.76 10.24 4.72
CA PRO A 23 -6.41 8.95 5.34
C PRO A 23 -5.06 8.42 4.82
N ALA A 24 -4.21 7.99 5.74
CA ALA A 24 -2.85 7.65 5.37
C ALA A 24 -2.21 6.76 6.43
N ARG A 25 -1.03 6.21 6.10
CA ARG A 25 -0.26 5.44 7.07
C ARG A 25 1.20 5.87 7.07
N ILE A 26 1.89 5.65 8.19
CA ILE A 26 3.36 5.72 8.16
C ILE A 26 3.89 4.48 7.49
N ASP A 27 4.64 4.67 6.42
CA ASP A 27 5.18 3.51 5.71
C ASP A 27 6.52 3.10 6.30
N ASP A 28 6.93 1.87 5.92
CA ASP A 28 8.30 1.46 6.12
C ASP A 28 9.12 1.98 4.92
N ILE A 29 10.43 1.89 5.07
CA ILE A 29 11.30 2.24 3.95
C ILE A 29 11.91 0.90 3.55
N ALA A 30 11.67 0.49 2.31
CA ALA A 30 12.23 -0.78 1.82
C ALA A 30 13.76 -0.68 1.75
N ASP A 31 14.44 -1.82 1.94
CA ASP A 31 15.87 -1.84 1.64
C ASP A 31 16.11 -1.25 0.26
N GLY A 32 17.12 -0.37 0.14
CA GLY A 32 17.49 0.23 -1.12
C GLY A 32 16.65 1.42 -1.57
N ALA A 33 15.59 1.71 -0.81
CA ALA A 33 14.66 2.77 -1.19
C ALA A 33 15.17 4.12 -0.69
N VAL A 34 14.72 5.20 -1.33
CA VAL A 34 15.07 6.56 -0.88
C VAL A 34 14.53 6.88 0.53
N LYS A 35 15.41 7.33 1.43
CA LYS A 35 15.07 7.67 2.82
C LYS A 35 14.49 9.08 2.89
N PRO A 36 13.61 9.37 3.88
CA PRO A 36 13.04 10.71 4.02
C PRO A 36 14.11 11.63 4.57
N PRO A 37 13.89 12.95 4.48
CA PRO A 37 14.72 13.91 5.23
C PRO A 37 14.69 13.71 6.74
N PRO A 38 15.68 14.16 7.54
CA PRO A 38 15.57 14.13 9.00
C PRO A 38 14.27 14.73 9.51
N ASN A 39 13.72 14.10 10.56
CA ASN A 39 12.53 14.53 11.25
C ASN A 39 11.28 14.38 10.39
N LYS A 40 11.41 13.68 9.22
CA LYS A 40 10.26 13.48 8.36
C LYS A 40 9.98 11.97 8.29
N TYR A 41 8.71 11.65 8.01
CA TYR A 41 8.25 10.27 7.87
C TYR A 41 7.76 10.06 6.46
N PRO A 42 7.84 8.81 5.94
CA PRO A 42 7.22 8.52 4.65
C PRO A 42 5.76 8.20 4.87
N ILE A 43 4.91 9.01 4.25
CA ILE A 43 3.47 8.90 4.44
C ILE A 43 2.88 8.33 3.17
N PHE A 44 2.18 7.17 3.28
CA PHE A 44 1.45 6.66 2.15
C PHE A 44 0.00 7.08 2.30
N PHE A 45 -0.52 7.69 1.26
CA PHE A 45 -1.86 8.21 1.23
C PHE A 45 -2.78 7.16 0.61
N PHE A 46 -3.78 6.76 1.39
CA PHE A 46 -4.71 5.76 0.87
C PHE A 46 -5.50 6.38 -0.28
N GLY A 47 -5.99 5.51 -1.18
CA GLY A 47 -6.84 5.96 -2.28
C GLY A 47 -5.98 6.46 -3.44
N THR A 48 -5.20 7.54 -3.24
CA THR A 48 -4.29 8.00 -4.29
C THR A 48 -3.07 7.09 -4.42
N HIS A 49 -2.67 6.46 -3.32
CA HIS A 49 -1.50 5.61 -3.26
C HIS A 49 -0.24 6.41 -3.55
N GLU A 50 -0.27 7.69 -3.19
CA GLU A 50 0.92 8.52 -3.32
C GLU A 50 1.71 8.60 -2.00
N THR A 51 2.99 8.99 -2.07
CA THR A 51 3.87 9.09 -0.92
C THR A 51 4.36 10.53 -0.86
N ALA A 52 4.28 11.15 0.31
CA ALA A 52 4.99 12.39 0.60
C ALA A 52 5.71 12.24 1.94
N PHE A 53 6.62 13.19 2.24
CA PHE A 53 7.37 13.14 3.48
C PHE A 53 6.82 14.26 4.35
N LEU A 54 6.39 13.90 5.55
CA LEU A 54 5.74 14.87 6.43
C LEU A 54 6.29 14.72 7.84
N GLY A 55 6.22 15.85 8.58
CA GLY A 55 6.56 15.73 9.98
C GLY A 55 5.30 15.63 10.85
N PRO A 56 5.50 15.37 12.15
CA PRO A 56 4.40 15.20 13.10
C PRO A 56 3.32 16.27 13.19
N LYS A 57 3.75 17.51 12.88
CA LYS A 57 2.76 18.58 12.93
C LYS A 57 1.59 18.40 11.96
N ASP A 58 1.78 17.55 10.91
CA ASP A 58 0.78 17.33 9.90
C ASP A 58 0.16 15.91 10.04
N LEU A 59 0.46 15.24 11.16
CA LEU A 59 -0.03 13.85 11.33
C LEU A 59 -0.98 13.76 12.52
N PHE A 60 -2.21 13.32 12.22
CA PHE A 60 -3.29 13.23 13.23
C PHE A 60 -3.63 11.76 13.45
N PRO A 61 -3.44 11.19 14.64
CA PRO A 61 -3.71 9.75 14.83
C PRO A 61 -5.14 9.43 14.45
N TYR A 62 -5.35 8.32 13.68
CA TYR A 62 -6.62 8.05 13.05
C TYR A 62 -7.79 7.80 14.02
N ASP A 63 -7.52 7.05 15.09
CA ASP A 63 -8.59 6.72 16.06
C ASP A 63 -9.23 7.98 16.65
N LYS A 64 -8.35 8.87 17.15
CA LYS A 64 -8.80 10.12 17.77
C LYS A 64 -9.51 11.01 16.76
N SER A 65 -9.10 10.99 15.47
CA SER A 65 -9.46 11.99 14.49
C SER A 65 -10.57 11.60 13.51
N LYS A 66 -10.95 10.32 13.52
CA LYS A 66 -11.81 9.82 12.44
C LYS A 66 -13.22 10.41 12.47
N ASP A 67 -13.70 10.74 13.67
N ASP A 67 -13.72 10.71 13.67
CA ASP A 67 -15.01 11.35 13.81
CA ASP A 67 -15.02 11.37 13.76
C ASP A 67 -15.08 12.72 13.11
C ASP A 67 -15.02 12.65 12.93
N LYS A 68 -13.96 13.44 13.08
CA LYS A 68 -13.91 14.74 12.44
C LYS A 68 -13.54 14.65 10.97
N TYR A 69 -12.58 13.76 10.62
CA TYR A 69 -11.99 13.83 9.29
C TYR A 69 -12.43 12.68 8.36
N GLY A 70 -13.10 11.68 8.93
CA GLY A 70 -13.43 10.44 8.19
C GLY A 70 -14.82 10.52 7.55
N LYS A 71 -15.04 11.54 6.75
CA LYS A 71 -16.32 11.72 6.07
C LYS A 71 -16.03 11.82 4.58
N PRO A 72 -16.97 11.41 3.67
CA PRO A 72 -16.65 11.47 2.24
C PRO A 72 -16.31 12.86 1.73
N ASN A 73 -15.50 12.90 0.68
CA ASN A 73 -15.00 14.14 0.13
C ASN A 73 -14.99 13.93 -1.38
N LYS A 74 -15.24 15.01 -2.10
CA LYS A 74 -15.32 14.94 -3.55
C LYS A 74 -13.96 14.69 -4.18
N ARG A 75 -12.85 14.85 -3.44
CA ARG A 75 -11.55 14.81 -4.10
C ARG A 75 -11.19 13.40 -4.58
N LYS A 76 -10.49 13.36 -5.71
CA LYS A 76 -10.07 12.13 -6.38
C LYS A 76 -9.35 11.23 -5.37
N GLY A 77 -9.89 10.02 -5.19
CA GLY A 77 -9.21 8.98 -4.42
C GLY A 77 -9.61 9.00 -2.96
N PHE A 78 -10.29 10.04 -2.48
CA PHE A 78 -10.52 10.16 -1.05
C PHE A 78 -11.40 9.03 -0.52
N ASN A 79 -12.53 8.76 -1.18
CA ASN A 79 -13.48 7.79 -0.65
C ASN A 79 -12.91 6.35 -0.78
N GLU A 80 -12.10 6.09 -1.82
CA GLU A 80 -11.36 4.85 -1.87
C GLU A 80 -10.44 4.78 -0.65
N GLY A 81 -9.80 5.92 -0.38
CA GLY A 81 -8.86 5.90 0.75
C GLY A 81 -9.57 5.65 2.08
N LEU A 82 -10.79 6.19 2.29
CA LEU A 82 -11.54 5.90 3.49
C LEU A 82 -11.82 4.39 3.62
N TRP A 83 -12.09 3.73 2.48
CA TRP A 83 -12.35 2.30 2.55
C TRP A 83 -11.07 1.57 2.97
N GLU A 84 -9.95 1.93 2.37
CA GLU A 84 -8.70 1.25 2.60
C GLU A 84 -8.32 1.35 4.07
N ILE A 85 -8.35 2.58 4.65
CA ILE A 85 -7.86 2.73 6.01
C ILE A 85 -8.75 1.98 7.01
N GLN A 86 -10.06 1.82 6.72
CA GLN A 86 -10.99 1.10 7.60
C GLN A 86 -10.91 -0.41 7.40
N ASN A 87 -10.70 -0.86 6.16
CA ASN A 87 -10.89 -2.26 5.82
C ASN A 87 -9.62 -3.05 5.53
N ASN A 88 -8.55 -2.43 5.07
CA ASN A 88 -7.32 -3.17 4.87
C ASN A 88 -6.15 -2.18 4.86
N PRO A 89 -5.91 -1.57 6.05
CA PRO A 89 -4.93 -0.49 6.07
C PRO A 89 -3.49 -0.96 6.00
N HIS A 90 -3.23 -2.30 6.14
CA HIS A 90 -1.86 -2.78 6.15
C HIS A 90 -1.53 -3.65 4.91
N ALA A 91 -2.37 -3.54 3.90
CA ALA A 91 -2.15 -4.33 2.69
C ALA A 91 -1.10 -3.67 1.80
N SER A 92 -0.60 -4.46 0.84
CA SER A 92 0.19 -3.94 -0.26
C SER A 92 -0.73 -3.31 -1.30
N TYR A 93 -0.45 -2.04 -1.63
CA TYR A 93 -1.18 -1.31 -2.66
C TYR A 93 -0.28 -0.92 -3.84
N SER A 94 0.96 -1.39 -3.84
CA SER A 94 1.85 -1.35 -4.99
C SER A 94 1.18 -2.02 -6.21
N MET B 2 35.43 -25.85 -9.91
CA MET B 2 36.39 -25.21 -10.85
C MET B 2 36.49 -23.73 -10.49
N PRO B 3 37.71 -23.12 -10.42
CA PRO B 3 37.83 -21.67 -10.25
C PRO B 3 37.13 -20.95 -11.41
N HIS B 4 36.54 -19.79 -11.11
CA HIS B 4 35.86 -18.99 -12.13
C HIS B 4 36.45 -17.58 -12.14
N ALA B 5 35.98 -16.74 -13.07
CA ALA B 5 36.53 -15.39 -13.13
C ALA B 5 36.39 -14.70 -11.77
N PHE B 6 35.24 -14.91 -11.15
CA PHE B 6 35.00 -14.43 -9.79
C PHE B 6 35.05 -15.61 -8.80
N LYS B 7 35.74 -15.35 -7.69
CA LYS B 7 35.88 -16.36 -6.66
C LYS B 7 35.16 -15.88 -5.39
N PRO B 8 34.70 -16.82 -4.55
CA PRO B 8 34.14 -16.48 -3.23
C PRO B 8 35.04 -15.53 -2.47
N GLY B 9 34.43 -14.49 -1.91
CA GLY B 9 35.14 -13.48 -1.16
C GLY B 9 35.58 -12.27 -1.97
N ASP B 10 35.51 -12.37 -3.32
CA ASP B 10 35.81 -11.20 -4.12
C ASP B 10 34.76 -10.09 -3.87
N LEU B 11 35.28 -8.89 -3.82
CA LEU B 11 34.50 -7.72 -3.44
C LEU B 11 34.09 -7.03 -4.74
N VAL B 12 32.83 -6.53 -4.81
CA VAL B 12 32.35 -5.95 -6.07
C VAL B 12 31.38 -4.83 -5.73
N PHE B 13 31.00 -4.07 -6.77
CA PHE B 13 29.69 -3.42 -6.78
C PHE B 13 28.78 -4.20 -7.69
N ALA B 14 27.55 -4.47 -7.24
CA ALA B 14 26.60 -5.27 -7.96
C ALA B 14 25.42 -4.38 -8.40
N LYS B 15 25.04 -4.50 -9.67
CA LYS B 15 23.99 -3.63 -10.22
C LYS B 15 22.68 -4.38 -10.38
N MET B 16 21.61 -3.79 -9.80
CA MET B 16 20.24 -4.27 -9.98
C MET B 16 19.39 -3.15 -10.57
N LYS B 17 18.44 -3.52 -11.45
CA LYS B 17 17.55 -2.52 -12.03
C LYS B 17 16.83 -1.75 -10.91
N GLY B 18 16.91 -0.42 -11.00
CA GLY B 18 16.25 0.47 -10.06
C GLY B 18 17.14 0.95 -8.92
N TYR B 19 18.39 0.43 -8.85
CA TYR B 19 19.24 0.81 -7.71
C TYR B 19 20.63 1.16 -8.19
N PRO B 20 21.39 1.95 -7.41
CA PRO B 20 22.77 2.30 -7.76
C PRO B 20 23.66 1.08 -7.56
N HIS B 21 24.77 1.04 -8.33
CA HIS B 21 25.79 0.00 -8.11
C HIS B 21 26.04 -0.19 -6.60
N TRP B 22 25.98 -1.44 -6.12
CA TRP B 22 25.81 -1.59 -4.66
C TRP B 22 26.97 -2.38 -4.09
N PRO B 23 27.59 -1.98 -2.96
CA PRO B 23 28.73 -2.76 -2.41
C PRO B 23 28.25 -4.17 -2.07
N ALA B 24 29.06 -5.17 -2.45
CA ALA B 24 28.62 -6.55 -2.36
C ALA B 24 29.85 -7.46 -2.40
N ARG B 25 29.58 -8.73 -2.15
CA ARG B 25 30.63 -9.76 -2.23
C ARG B 25 30.08 -10.98 -2.95
N ILE B 26 30.99 -11.74 -3.58
CA ILE B 26 30.66 -13.07 -4.05
C ILE B 26 30.67 -14.00 -2.85
N ASP B 27 29.59 -14.76 -2.74
CA ASP B 27 29.47 -15.75 -1.66
C ASP B 27 29.83 -17.15 -2.16
N ASP B 28 29.96 -18.10 -1.22
N ASP B 28 29.99 -18.11 -1.23
CA ASP B 28 30.20 -19.52 -1.50
CA ASP B 28 30.23 -19.51 -1.58
C ASP B 28 28.85 -20.19 -1.80
C ASP B 28 28.87 -20.23 -1.61
N ILE B 29 28.89 -21.51 -2.01
CA ILE B 29 27.66 -22.29 -2.17
C ILE B 29 27.67 -23.45 -1.17
N LYS B 35 21.41 -23.70 -5.84
CA LYS B 35 22.62 -23.41 -6.68
C LYS B 35 22.29 -22.33 -7.72
N PRO B 36 23.25 -21.42 -8.07
CA PRO B 36 22.95 -20.33 -9.02
C PRO B 36 22.47 -20.84 -10.38
N PRO B 37 21.62 -20.09 -11.11
CA PRO B 37 21.34 -20.45 -12.50
C PRO B 37 22.66 -20.44 -13.26
N PRO B 38 22.75 -21.08 -14.45
CA PRO B 38 23.97 -21.03 -15.26
C PRO B 38 24.55 -19.62 -15.43
N ASN B 39 25.87 -19.49 -15.37
CA ASN B 39 26.55 -18.22 -15.66
C ASN B 39 26.45 -17.19 -14.53
N LYS B 40 25.74 -17.48 -13.43
CA LYS B 40 25.51 -16.49 -12.39
C LYS B 40 26.20 -16.89 -11.09
N TYR B 41 26.33 -15.91 -10.18
CA TYR B 41 27.06 -16.06 -8.92
C TYR B 41 26.12 -15.71 -7.77
N PRO B 42 26.32 -16.32 -6.59
CA PRO B 42 25.61 -15.86 -5.40
C PRO B 42 26.25 -14.59 -4.87
N ILE B 43 25.41 -13.51 -4.82
CA ILE B 43 25.84 -12.20 -4.34
C ILE B 43 25.26 -11.88 -2.97
N PHE B 44 26.09 -11.35 -2.08
CA PHE B 44 25.60 -10.84 -0.81
C PHE B 44 25.78 -9.34 -0.86
N PHE B 45 24.68 -8.58 -0.64
CA PHE B 45 24.71 -7.13 -0.62
C PHE B 45 24.96 -6.62 0.78
N PHE B 46 26.04 -5.85 0.90
CA PHE B 46 26.38 -5.26 2.17
C PHE B 46 25.30 -4.23 2.58
N GLY B 47 25.15 -4.02 3.88
CA GLY B 47 24.17 -3.05 4.36
C GLY B 47 22.78 -3.66 4.48
N THR B 48 22.19 -4.13 3.37
CA THR B 48 20.87 -4.73 3.36
C THR B 48 20.96 -6.16 3.86
N HIS B 49 22.12 -6.76 3.65
CA HIS B 49 22.40 -8.16 3.95
C HIS B 49 21.45 -9.08 3.20
N GLU B 50 20.96 -8.67 2.02
CA GLU B 50 20.15 -9.57 1.21
C GLU B 50 21.04 -10.25 0.16
N THR B 51 20.44 -11.20 -0.57
CA THR B 51 21.17 -12.04 -1.52
C THR B 51 20.40 -12.10 -2.83
N ALA B 52 21.13 -12.32 -3.93
CA ALA B 52 20.54 -12.60 -5.22
C ALA B 52 21.60 -13.27 -6.09
N PHE B 53 21.14 -13.79 -7.23
CA PHE B 53 22.04 -14.33 -8.24
C PHE B 53 22.18 -13.32 -9.37
N LEU B 54 23.44 -12.95 -9.69
CA LEU B 54 23.74 -12.02 -10.77
C LEU B 54 24.82 -12.63 -11.66
N GLY B 55 24.79 -12.23 -12.93
CA GLY B 55 25.79 -12.58 -13.94
C GLY B 55 26.88 -11.51 -13.98
N PRO B 56 28.05 -11.81 -14.61
CA PRO B 56 29.14 -10.84 -14.70
C PRO B 56 28.88 -9.45 -15.28
N LYS B 57 27.86 -9.33 -16.15
CA LYS B 57 27.57 -8.02 -16.73
C LYS B 57 27.22 -7.00 -15.65
N ASP B 58 26.78 -7.52 -14.48
CA ASP B 58 26.26 -6.68 -13.41
C ASP B 58 27.24 -6.64 -12.24
N LEU B 59 28.47 -7.18 -12.42
CA LEU B 59 29.44 -7.26 -11.31
C LEU B 59 30.69 -6.48 -11.68
N PHE B 60 31.02 -5.52 -10.85
CA PHE B 60 32.11 -4.59 -11.08
C PHE B 60 33.16 -4.77 -9.98
N PRO B 61 34.38 -5.26 -10.28
CA PRO B 61 35.39 -5.44 -9.21
C PRO B 61 35.59 -4.17 -8.38
N TYR B 62 35.67 -4.35 -7.02
CA TYR B 62 35.53 -3.23 -6.13
C TYR B 62 36.70 -2.28 -6.23
N ASP B 63 37.93 -2.87 -6.27
CA ASP B 63 39.16 -2.09 -6.42
C ASP B 63 39.10 -1.14 -7.62
N LYS B 64 38.84 -1.71 -8.80
CA LYS B 64 38.73 -0.92 -10.01
C LYS B 64 37.67 0.18 -9.87
N SER B 65 36.55 -0.14 -9.21
CA SER B 65 35.38 0.72 -9.40
C SER B 65 34.99 1.58 -8.18
N LYS B 66 35.77 1.54 -7.09
CA LYS B 66 35.33 2.17 -5.85
C LYS B 66 35.27 3.69 -5.92
N ASP B 67 36.15 4.33 -6.70
CA ASP B 67 36.10 5.79 -6.62
C ASP B 67 34.89 6.30 -7.42
N LYS B 68 34.45 5.50 -8.40
CA LYS B 68 33.30 5.82 -9.22
C LYS B 68 31.98 5.54 -8.48
N TYR B 69 31.85 4.36 -7.85
CA TYR B 69 30.57 3.88 -7.33
C TYR B 69 30.50 3.95 -5.81
N GLY B 70 31.61 4.21 -5.11
CA GLY B 70 31.66 4.10 -3.65
C GLY B 70 31.39 5.43 -2.94
N LYS B 71 30.47 6.24 -3.48
CA LYS B 71 30.14 7.50 -2.85
C LYS B 71 28.87 7.30 -2.05
N PRO B 72 28.74 7.94 -0.87
CA PRO B 72 27.50 7.87 -0.10
C PRO B 72 26.28 8.40 -0.86
N ASN B 73 25.11 7.81 -0.56
CA ASN B 73 23.87 8.30 -1.11
C ASN B 73 22.78 8.18 -0.03
N LYS B 74 21.52 8.44 -0.40
CA LYS B 74 20.44 8.39 0.58
C LYS B 74 19.57 7.13 0.48
N ARG B 75 20.02 6.08 -0.24
CA ARG B 75 19.31 4.81 -0.28
C ARG B 75 19.53 4.04 1.03
N LYS B 76 18.45 3.55 1.64
CA LYS B 76 18.52 2.72 2.84
C LYS B 76 19.46 1.50 2.69
N GLY B 77 20.45 1.48 3.59
CA GLY B 77 21.44 0.40 3.70
C GLY B 77 22.72 0.71 2.93
N PHE B 78 22.69 1.68 2.04
CA PHE B 78 23.90 2.00 1.25
C PHE B 78 25.11 2.42 2.08
N ASN B 79 25.03 3.43 2.95
CA ASN B 79 26.20 3.87 3.68
C ASN B 79 26.66 2.80 4.69
N GLU B 80 25.73 2.01 5.23
CA GLU B 80 26.10 0.90 6.10
C GLU B 80 26.93 -0.10 5.28
N GLY B 81 26.46 -0.34 4.04
CA GLY B 81 27.12 -1.26 3.12
C GLY B 81 28.53 -0.80 2.75
N LEU B 82 28.72 0.52 2.58
CA LEU B 82 30.03 1.09 2.35
C LEU B 82 30.93 0.81 3.55
N TRP B 83 30.37 0.92 4.76
CA TRP B 83 31.12 0.70 5.97
C TRP B 83 31.59 -0.76 6.01
N GLU B 84 30.66 -1.67 5.72
CA GLU B 84 30.93 -3.09 5.77
C GLU B 84 32.00 -3.51 4.77
N ILE B 85 31.91 -3.06 3.52
CA ILE B 85 32.83 -3.59 2.50
C ILE B 85 34.25 -3.11 2.82
N GLN B 86 34.37 -1.94 3.46
CA GLN B 86 35.61 -1.31 3.85
C GLN B 86 36.20 -1.99 5.09
N ASN B 87 35.37 -2.25 6.10
CA ASN B 87 35.91 -2.55 7.44
C ASN B 87 35.78 -4.01 7.82
N ASN B 88 34.83 -4.74 7.25
CA ASN B 88 34.74 -6.15 7.62
C ASN B 88 33.97 -6.88 6.52
N PRO B 89 34.56 -6.91 5.31
CA PRO B 89 33.86 -7.53 4.18
C PRO B 89 33.60 -9.03 4.25
N HIS B 90 34.39 -9.73 5.11
CA HIS B 90 34.34 -11.19 5.14
C HIS B 90 33.62 -11.76 6.37
N ALA B 91 32.96 -10.86 7.11
CA ALA B 91 32.25 -11.28 8.32
C ALA B 91 30.98 -12.09 8.00
N SER B 92 30.49 -12.84 9.01
CA SER B 92 29.16 -13.39 8.98
C SER B 92 28.19 -12.28 9.38
N TYR B 93 27.17 -12.08 8.54
CA TYR B 93 26.12 -11.11 8.72
C TYR B 93 24.81 -11.87 8.98
N SER B 94 24.95 -13.13 9.39
CA SER B 94 23.88 -13.92 9.98
C SER B 94 23.11 -13.04 10.98
N HIS C 4 -34.08 -16.31 0.07
CA HIS C 4 -33.91 -15.45 1.27
C HIS C 4 -35.20 -14.65 1.47
N ALA C 5 -35.13 -13.60 2.31
CA ALA C 5 -36.21 -12.63 2.50
C ALA C 5 -35.62 -11.28 2.92
N PHE C 6 -36.28 -10.20 2.47
CA PHE C 6 -35.82 -8.85 2.71
C PHE C 6 -36.99 -8.00 3.20
N LYS C 7 -36.78 -7.29 4.32
CA LYS C 7 -37.75 -6.33 4.82
C LYS C 7 -37.16 -4.95 4.54
N PRO C 8 -37.93 -3.83 4.59
CA PRO C 8 -37.34 -2.51 4.42
C PRO C 8 -36.19 -2.34 5.41
N GLY C 9 -35.10 -1.69 4.98
CA GLY C 9 -33.98 -1.36 5.84
C GLY C 9 -32.82 -2.36 5.74
N ASP C 10 -33.10 -3.59 5.27
CA ASP C 10 -32.11 -4.62 5.01
C ASP C 10 -31.02 -4.15 4.04
N LEU C 11 -29.77 -4.45 4.40
CA LEU C 11 -28.62 -3.95 3.64
C LEU C 11 -28.19 -5.02 2.69
N VAL C 12 -27.87 -4.62 1.43
CA VAL C 12 -27.61 -5.58 0.38
C VAL C 12 -26.52 -5.02 -0.57
N PHE C 13 -26.05 -5.93 -1.42
CA PHE C 13 -25.48 -5.60 -2.73
C PHE C 13 -26.51 -5.95 -3.80
N ALA C 14 -26.73 -4.99 -4.72
CA ALA C 14 -27.84 -5.08 -5.69
C ALA C 14 -27.23 -5.03 -7.08
N LYS C 15 -27.54 -6.04 -7.90
CA LYS C 15 -26.95 -6.15 -9.22
C LYS C 15 -27.95 -5.73 -10.29
N MET C 16 -27.56 -4.74 -11.10
CA MET C 16 -28.27 -4.34 -12.32
C MET C 16 -27.34 -4.61 -13.50
N LYS C 17 -27.93 -4.96 -14.65
CA LYS C 17 -27.18 -5.02 -15.90
C LYS C 17 -26.50 -3.67 -16.17
N GLY C 18 -25.19 -3.75 -16.47
CA GLY C 18 -24.42 -2.58 -16.86
C GLY C 18 -23.65 -2.02 -15.67
N TYR C 19 -23.80 -2.63 -14.47
CA TYR C 19 -23.20 -2.03 -13.26
C TYR C 19 -22.66 -3.14 -12.37
N PRO C 20 -21.61 -2.88 -11.57
CA PRO C 20 -21.11 -3.87 -10.63
C PRO C 20 -22.11 -4.06 -9.47
N HIS C 21 -21.97 -5.14 -8.75
CA HIS C 21 -22.79 -5.30 -7.55
C HIS C 21 -22.65 -4.08 -6.64
N TRP C 22 -23.78 -3.48 -6.23
CA TRP C 22 -23.74 -2.11 -5.72
C TRP C 22 -24.24 -2.09 -4.28
N PRO C 23 -23.59 -1.35 -3.36
CA PRO C 23 -24.11 -1.25 -1.99
C PRO C 23 -25.47 -0.57 -1.97
N ALA C 24 -26.45 -1.19 -1.29
CA ALA C 24 -27.83 -0.73 -1.39
C ALA C 24 -28.61 -1.12 -0.14
N ARG C 25 -29.84 -0.59 -0.01
CA ARG C 25 -30.76 -1.14 0.98
C ARG C 25 -32.15 -1.35 0.35
N ILE C 26 -32.95 -2.18 1.01
CA ILE C 26 -34.37 -2.35 0.71
C ILE C 26 -35.11 -1.18 1.32
N ASP C 27 -35.88 -0.48 0.49
CA ASP C 27 -36.77 0.58 0.92
C ASP C 27 -38.14 0.00 1.26
N ASP C 28 -38.96 0.81 1.96
CA ASP C 28 -40.40 0.58 2.10
C ASP C 28 -41.09 1.13 0.86
N ILE C 29 -42.41 0.89 0.73
CA ILE C 29 -43.18 1.48 -0.36
C ILE C 29 -44.12 2.54 0.24
N LYS C 35 -47.02 0.72 -7.19
CA LYS C 35 -46.63 -0.62 -6.64
C LYS C 35 -45.47 -1.18 -7.47
N PRO C 36 -44.57 -1.97 -6.85
CA PRO C 36 -43.49 -2.60 -7.62
C PRO C 36 -44.10 -3.43 -8.75
N PRO C 37 -43.32 -3.79 -9.78
CA PRO C 37 -43.72 -4.86 -10.66
C PRO C 37 -43.85 -6.06 -9.74
N PRO C 38 -44.58 -7.10 -10.18
CA PRO C 38 -44.68 -8.35 -9.44
C PRO C 38 -43.33 -8.89 -9.01
N ASN C 39 -43.20 -9.16 -7.71
CA ASN C 39 -42.08 -9.86 -7.11
C ASN C 39 -40.82 -9.01 -7.16
N LYS C 40 -40.97 -7.68 -7.17
CA LYS C 40 -39.80 -6.83 -7.12
C LYS C 40 -39.77 -5.99 -5.85
N TYR C 41 -38.54 -5.68 -5.42
CA TYR C 41 -38.28 -4.92 -4.20
C TYR C 41 -37.89 -3.51 -4.62
N PRO C 42 -38.28 -2.48 -3.84
CA PRO C 42 -37.76 -1.13 -4.03
C PRO C 42 -36.37 -1.07 -3.41
N ILE C 43 -35.41 -0.67 -4.25
CA ILE C 43 -34.02 -0.60 -3.80
C ILE C 43 -33.55 0.84 -3.81
N PHE C 44 -32.74 1.19 -2.79
CA PHE C 44 -32.08 2.49 -2.80
C PHE C 44 -30.57 2.22 -2.82
N PHE C 45 -29.90 2.89 -3.76
CA PHE C 45 -28.48 2.67 -4.01
C PHE C 45 -27.68 3.69 -3.22
N PHE C 46 -26.79 3.18 -2.36
CA PHE C 46 -25.91 4.15 -1.71
C PHE C 46 -24.96 4.82 -2.70
N GLY C 47 -24.48 6.02 -2.32
CA GLY C 47 -23.52 6.73 -3.15
C GLY C 47 -24.23 7.54 -4.23
N THR C 48 -24.91 6.84 -5.17
CA THR C 48 -25.67 7.58 -6.17
C THR C 48 -26.99 8.09 -5.59
N HIS C 49 -27.49 7.47 -4.52
CA HIS C 49 -28.81 7.76 -3.95
C HIS C 49 -29.94 7.66 -4.96
N GLU C 50 -29.81 6.77 -5.94
CA GLU C 50 -30.90 6.52 -6.88
C GLU C 50 -31.74 5.31 -6.44
N THR C 51 -32.89 5.11 -7.09
CA THR C 51 -33.78 3.99 -6.78
C THR C 51 -34.09 3.20 -8.06
N ALA C 52 -34.40 1.92 -7.86
CA ALA C 52 -34.86 1.02 -8.90
C ALA C 52 -35.70 -0.07 -8.24
N PHE C 53 -36.38 -0.90 -9.05
CA PHE C 53 -37.04 -2.09 -8.55
C PHE C 53 -36.24 -3.30 -9.03
N LEU C 54 -35.97 -4.27 -8.13
CA LEU C 54 -35.18 -5.43 -8.50
C LEU C 54 -35.76 -6.70 -7.89
N GLY C 55 -35.54 -7.83 -8.56
CA GLY C 55 -36.00 -9.11 -8.03
C GLY C 55 -34.96 -9.75 -7.11
N PRO C 56 -35.33 -10.80 -6.35
CA PRO C 56 -34.44 -11.40 -5.38
C PRO C 56 -33.18 -12.05 -5.96
N LYS C 57 -33.23 -12.43 -7.24
CA LYS C 57 -32.06 -13.03 -7.87
C LYS C 57 -30.93 -11.99 -7.92
N ASP C 58 -31.33 -10.71 -7.81
CA ASP C 58 -30.41 -9.60 -8.04
C ASP C 58 -29.83 -9.05 -6.74
N LEU C 59 -30.16 -9.66 -5.60
CA LEU C 59 -29.92 -9.10 -4.29
C LEU C 59 -29.10 -10.03 -3.41
N PHE C 60 -28.14 -9.48 -2.66
CA PHE C 60 -27.18 -10.28 -1.88
C PHE C 60 -27.04 -9.67 -0.49
N PRO C 61 -27.29 -10.41 0.63
CA PRO C 61 -27.23 -9.76 1.94
C PRO C 61 -25.84 -9.22 2.24
N TYR C 62 -25.81 -7.99 2.79
CA TYR C 62 -24.62 -7.17 2.96
C TYR C 62 -23.58 -7.90 3.80
N ASP C 63 -23.99 -8.42 4.97
CA ASP C 63 -23.01 -9.06 5.84
C ASP C 63 -22.41 -10.31 5.21
N LYS C 64 -23.21 -11.07 4.49
CA LYS C 64 -22.81 -12.34 3.93
C LYS C 64 -21.91 -12.14 2.71
N SER C 65 -22.03 -11.00 2.00
CA SER C 65 -21.36 -10.95 0.70
C SER C 65 -20.34 -9.83 0.60
N LYS C 66 -20.18 -9.05 1.66
CA LYS C 66 -19.27 -7.90 1.60
C LYS C 66 -17.82 -8.34 1.38
N ASP C 67 -17.42 -9.51 1.88
CA ASP C 67 -16.05 -9.94 1.62
C ASP C 67 -15.77 -9.97 0.11
N LYS C 68 -16.79 -10.34 -0.69
CA LYS C 68 -16.69 -10.47 -2.13
C LYS C 68 -16.98 -9.15 -2.89
N TYR C 69 -18.05 -8.43 -2.51
CA TYR C 69 -18.46 -7.29 -3.33
C TYR C 69 -18.04 -5.96 -2.69
N GLY C 70 -17.70 -5.97 -1.40
CA GLY C 70 -17.41 -4.71 -0.73
C GLY C 70 -15.94 -4.33 -0.90
N LYS C 71 -15.62 -3.87 -2.09
CA LYS C 71 -14.26 -3.52 -2.45
C LYS C 71 -14.38 -2.37 -3.42
N PRO C 72 -13.43 -1.44 -3.42
CA PRO C 72 -13.62 -0.23 -4.22
C PRO C 72 -13.70 -0.49 -5.71
N ASN C 73 -14.33 0.46 -6.36
CA ASN C 73 -14.15 0.52 -7.80
C ASN C 73 -14.38 1.94 -8.23
N LYS C 74 -14.07 2.20 -9.50
CA LYS C 74 -13.98 3.58 -9.95
C LYS C 74 -15.31 4.10 -10.47
N ARG C 75 -16.36 3.27 -10.49
CA ARG C 75 -17.63 3.76 -11.00
C ARG C 75 -18.20 4.89 -10.15
N LYS C 76 -18.90 5.80 -10.84
CA LYS C 76 -19.38 7.03 -10.21
C LYS C 76 -20.24 6.72 -8.99
N GLY C 77 -19.81 7.24 -7.83
CA GLY C 77 -20.61 7.20 -6.62
C GLY C 77 -20.34 5.91 -5.81
N PHE C 78 -19.55 4.98 -6.33
CA PHE C 78 -19.47 3.65 -5.71
C PHE C 78 -18.78 3.71 -4.35
N ASN C 79 -17.62 4.40 -4.31
CA ASN C 79 -16.85 4.36 -3.07
C ASN C 79 -17.51 5.16 -1.96
N GLU C 80 -18.17 6.24 -2.36
CA GLU C 80 -18.97 6.91 -1.36
C GLU C 80 -20.09 6.00 -0.84
N GLY C 81 -20.69 5.21 -1.77
CA GLY C 81 -21.67 4.20 -1.38
C GLY C 81 -21.12 3.23 -0.34
N LEU C 82 -19.89 2.74 -0.56
CA LEU C 82 -19.26 1.80 0.36
C LEU C 82 -19.12 2.46 1.73
N TRP C 83 -18.81 3.76 1.72
CA TRP C 83 -18.64 4.43 3.01
C TRP C 83 -20.02 4.47 3.71
N GLU C 84 -21.07 4.84 2.95
CA GLU C 84 -22.40 4.93 3.54
C GLU C 84 -22.91 3.61 4.13
N ILE C 85 -22.72 2.48 3.43
CA ILE C 85 -23.28 1.20 3.84
C ILE C 85 -22.61 0.67 5.12
N GLN C 86 -21.32 0.96 5.29
CA GLN C 86 -20.63 0.56 6.51
C GLN C 86 -20.79 1.56 7.66
N ASN C 87 -20.90 2.85 7.38
CA ASN C 87 -20.79 3.90 8.39
C ASN C 87 -22.14 4.54 8.72
N ASN C 88 -23.02 4.78 7.72
CA ASN C 88 -24.23 5.56 7.95
C ASN C 88 -25.41 4.96 7.17
N PRO C 89 -25.70 3.64 7.34
CA PRO C 89 -26.60 2.92 6.43
C PRO C 89 -28.08 3.26 6.47
N HIS C 90 -28.48 4.01 7.49
CA HIS C 90 -29.89 4.32 7.69
C HIS C 90 -30.12 5.82 7.78
N ALA C 91 -29.15 6.63 7.32
CA ALA C 91 -29.39 8.05 7.12
C ALA C 91 -30.36 8.25 5.96
N SER C 92 -30.97 9.45 5.94
CA SER C 92 -32.03 9.82 5.01
C SER C 92 -31.53 9.83 3.57
N TYR C 93 -30.56 10.71 3.29
CA TYR C 93 -30.10 11.00 1.94
C TYR C 93 -31.31 11.44 1.09
S SO4 D . -9.60 16.72 -7.64
O1 SO4 D . -9.16 16.03 -8.82
O2 SO4 D . -8.76 16.36 -6.53
O3 SO4 D . -9.51 18.14 -7.87
O4 SO4 D . -10.96 16.35 -7.36
S SO4 E . -5.97 24.45 3.19
O1 SO4 E . -4.53 24.39 3.20
O2 SO4 E . -6.48 24.00 4.46
O3 SO4 E . -6.39 25.81 2.94
O4 SO4 E . -6.49 23.61 2.15
C1 EDO F . 2.02 0.49 -0.73
O1 EDO F . 1.89 -0.90 -0.40
C2 EDO F . 3.33 1.12 -0.34
O2 EDO F . 3.41 1.29 1.05
S SO4 G . -13.00 8.09 -4.83
O1 SO4 G . -12.12 7.03 -4.58
O2 SO4 G . -12.47 8.89 -5.96
O3 SO4 G . -14.32 7.56 -5.16
O4 SO4 G . -13.06 8.94 -3.67
S SO4 H . 22.17 3.48 6.05
O1 SO4 H . 22.94 2.40 5.47
O2 SO4 H . 22.71 4.77 5.65
O3 SO4 H . 20.76 3.43 5.64
O4 SO4 H . 22.28 3.31 7.49
S SO4 I . 18.30 1.88 -13.39
O1 SO4 I . 17.98 0.54 -12.98
O2 SO4 I . 18.56 1.88 -14.81
O3 SO4 I . 17.18 2.74 -13.11
O4 SO4 I . 19.46 2.37 -12.68
C10 8DH J . 19.02 -7.53 -3.69
N12 8DH J . 17.83 -9.61 -3.14
C13 8DH J . 16.75 -8.99 -2.65
C15 8DH J . 16.76 -7.49 -2.66
C01 8DH J . 19.34 -2.37 -2.67
C02 8DH J . 19.84 -3.69 -3.24
C03 8DH J . 20.49 -3.52 -4.60
N04 8DH J . 18.71 -4.60 -3.20
C05 8DH J . 17.66 -4.55 -4.22
S06 8DH J . 18.60 -5.59 -1.97
O07 8DH J . 19.92 -5.77 -1.45
O08 8DH J . 17.57 -5.18 -1.09
N09 8DH J . 18.11 -6.91 -2.70
C11 8DH J . 19.13 -9.01 -3.41
O14 8DH J . 15.81 -9.60 -2.17
C1 EDO K . -25.56 2.70 -10.19
O1 EDO K . -25.08 3.93 -10.73
C2 EDO K . -26.27 2.85 -8.87
O2 EDO K . -27.26 3.84 -8.82
S SO4 L . -23.32 -8.67 -16.70
O1 SO4 L . -22.57 -9.87 -16.45
O2 SO4 L . -22.78 -7.59 -15.92
O3 SO4 L . -23.25 -8.33 -18.09
O4 SO4 L . -24.70 -8.88 -16.33
#